data_1I4F
#
_entry.id   1I4F
#
_cell.length_a   51.467
_cell.length_b   80.222
_cell.length_c   54.009
_cell.angle_alpha   90.00
_cell.angle_beta   111.06
_cell.angle_gamma   90.00
#
_symmetry.space_group_name_H-M   'P 1 21 1'
#
loop_
_entity.id
_entity.type
_entity.pdbx_description
1 polymer 'HLA CLASS I HISTOCOMPATIBILITY ANTIGEN, A-2 ALPHA CHAIN'
2 polymer BETA-2-MICROGLOBULIN
3 polymer 'MELANOMA-ASSOCIATED ANTIGEN 4'
4 non-polymer 2-(2-{2-[2-(2-METHOXY-ETHOXY)-ETHOXY]-ETHOXY}-ETHOXY)-ETHANOL
5 water water
#
loop_
_entity_poly.entity_id
_entity_poly.type
_entity_poly.pdbx_seq_one_letter_code
_entity_poly.pdbx_strand_id
1 'polypeptide(L)'
;GSHSMRYFFTSVSRPGRGEPRFIAVGYVDDTQFVRFDSDAASQRMEPRAPWIEQEGPEYWDGETRKVKAHSQTHRVDLGT
LRGYYNQSEAGSHTVQRMYGCDVGSDWRFLRGYHQYAYDGKDYIALKEDLRSWTAADMAAQTTKHKWEAAHVAEQLRAYL
EGTCVEWLRRYLENGKETLQRTDAPKTHMTHHAVSDHEATLRCWALSFYPAEITLTWQRDGEDQTQDTELVETRPAGDGT
FQKWAAVVVPSGQEQRYTCHVQHEGLPKPLTLRWE
;
A
2 'polypeptide(L)'
;MIQRTPKIQVYSRHPAENGKSNFLNCYVSGFHPSDIEVDLLKNGERIEKVEHSDLSFSKDWSFYLLYYTEFTPTEKDEYA
CRVNHVTLSQPKIVKWDRDM
;
B
3 'polypeptide(L)' GVYDGREHTV C
#
loop_
_chem_comp.id
_chem_comp.type
_chem_comp.name
_chem_comp.formula
1PG non-polymer 2-(2-{2-[2-(2-METHOXY-ETHOXY)-ETHOXY]-ETHOXY}-ETHOXY)-ETHANOL 'C11 H24 O6'
#
# COMPACT_ATOMS: atom_id res chain seq x y z
N GLY A 1 17.79 -4.49 -9.69
CA GLY A 1 18.68 -3.40 -9.29
C GLY A 1 17.95 -2.04 -9.52
N SER A 2 16.72 -2.11 -10.05
CA SER A 2 15.93 -0.87 -10.26
C SER A 2 15.21 -0.45 -8.98
N HIS A 3 14.91 0.83 -8.97
CA HIS A 3 14.27 1.45 -7.84
C HIS A 3 13.26 2.50 -8.29
N SER A 4 12.32 2.78 -7.44
CA SER A 4 11.29 3.77 -7.76
C SER A 4 11.04 4.75 -6.65
N MET A 5 10.65 5.96 -7.01
CA MET A 5 10.14 6.94 -6.08
C MET A 5 8.74 7.28 -6.50
N ARG A 6 7.76 7.15 -5.60
CA ARG A 6 6.41 7.37 -5.95
C ARG A 6 5.68 8.22 -4.91
N TYR A 7 4.80 9.10 -5.35
CA TYR A 7 3.95 9.88 -4.47
C TYR A 7 2.51 9.59 -4.72
N PHE A 8 1.74 9.49 -3.67
CA PHE A 8 0.32 9.14 -3.65
C PHE A 8 -0.47 10.26 -2.96
N PHE A 9 -1.49 10.79 -3.60
CA PHE A 9 -2.27 11.88 -3.09
C PHE A 9 -3.72 11.54 -3.14
N THR A 10 -4.43 11.75 -2.04
CA THR A 10 -5.86 11.52 -1.97
C THR A 10 -6.54 12.75 -1.37
N SER A 11 -7.57 13.27 -2.07
CA SER A 11 -8.39 14.34 -1.56
C SER A 11 -9.84 13.89 -1.54
N VAL A 12 -10.52 14.14 -0.44
CA VAL A 12 -11.91 13.72 -0.28
C VAL A 12 -12.76 14.93 0.13
N SER A 13 -13.75 15.26 -0.67
CA SER A 13 -14.57 16.41 -0.37
C SER A 13 -15.47 16.16 0.84
N ARG A 14 -15.79 17.24 1.51
CA ARG A 14 -16.62 17.23 2.65
C ARG A 14 -17.77 18.19 2.42
N PRO A 15 -18.81 17.64 1.84
CA PRO A 15 -19.94 18.46 1.38
C PRO A 15 -20.68 19.18 2.50
N GLY A 16 -20.66 18.68 3.71
CA GLY A 16 -21.34 19.34 4.80
C GLY A 16 -20.66 20.59 5.31
N ARG A 17 -19.34 20.65 5.28
CA ARG A 17 -18.59 21.76 5.77
C ARG A 17 -17.12 21.62 5.51
N GLY A 18 -16.53 22.73 5.03
CA GLY A 18 -15.08 22.84 4.94
C GLY A 18 -14.43 22.27 3.71
N GLU A 19 -13.13 22.31 3.71
CA GLU A 19 -12.37 21.93 2.54
C GLU A 19 -12.04 20.46 2.59
N PRO A 20 -11.58 19.92 1.49
CA PRO A 20 -11.30 18.50 1.44
C PRO A 20 -10.27 17.97 2.43
N ARG A 21 -10.41 16.73 2.84
CA ARG A 21 -9.36 16.03 3.58
C ARG A 21 -8.27 15.64 2.57
N PHE A 22 -7.06 15.93 2.83
CA PHE A 22 -5.95 15.68 1.88
C PHE A 22 -4.83 14.95 2.59
N ILE A 23 -4.42 13.79 2.03
CA ILE A 23 -3.35 12.97 2.52
C ILE A 23 -2.38 12.71 1.38
N ALA A 24 -1.09 12.96 1.63
CA ALA A 24 -0.04 12.70 0.70
C ALA A 24 0.96 11.75 1.37
N VAL A 25 1.45 10.78 0.65
CA VAL A 25 2.50 9.90 1.12
C VAL A 25 3.55 9.69 0.05
N GLY A 26 4.78 9.63 0.43
CA GLY A 26 5.87 9.33 -0.50
C GLY A 26 6.54 8.03 -0.15
N TYR A 27 6.93 7.28 -1.19
CA TYR A 27 7.61 6.00 -1.06
C TYR A 27 8.86 5.93 -1.90
N VAL A 28 9.83 5.19 -1.41
CA VAL A 28 10.89 4.66 -2.24
C VAL A 28 10.62 3.17 -2.23
N ASP A 29 10.36 2.58 -3.41
CA ASP A 29 10.01 1.17 -3.47
C ASP A 29 8.82 0.93 -2.52
N ASP A 30 8.94 -0.03 -1.57
CA ASP A 30 7.86 -0.34 -0.68
C ASP A 30 8.06 0.31 0.68
N THR A 31 8.89 1.33 0.75
CA THR A 31 9.18 2.03 1.99
C THR A 31 8.55 3.45 1.97
N GLN A 32 7.62 3.72 2.91
CA GLN A 32 7.08 5.09 3.05
C GLN A 32 8.14 5.95 3.70
N PHE A 33 8.35 7.17 3.23
CA PHE A 33 9.37 8.00 3.85
C PHE A 33 8.90 9.38 4.31
N VAL A 34 7.79 9.87 3.76
CA VAL A 34 7.24 11.14 4.13
C VAL A 34 5.69 11.09 4.08
N ARG A 35 5.04 11.99 4.79
CA ARG A 35 3.64 12.16 4.77
C ARG A 35 3.21 13.57 4.99
N PHE A 36 2.04 13.92 4.49
CA PHE A 36 1.33 15.14 4.84
C PHE A 36 -0.11 14.81 5.07
N ASP A 37 -0.71 15.26 6.17
CA ASP A 37 -2.11 15.02 6.41
C ASP A 37 -2.73 16.36 6.77
N SER A 38 -3.71 16.83 6.04
CA SER A 38 -4.38 18.11 6.31
C SER A 38 -5.00 18.12 7.67
N ASP A 39 -5.33 16.97 8.25
CA ASP A 39 -5.98 16.88 9.54
C ASP A 39 -4.96 16.99 10.71
N ALA A 40 -3.66 16.89 10.44
CA ALA A 40 -2.65 17.01 11.46
C ALA A 40 -2.38 18.48 11.79
N ALA A 41 -1.92 18.72 13.02
CA ALA A 41 -1.67 20.09 13.49
C ALA A 41 -0.44 20.74 12.93
N SER A 42 0.57 20.00 12.52
CA SER A 42 1.78 20.65 12.03
C SER A 42 1.64 21.42 10.78
N GLN A 43 0.77 20.95 9.89
CA GLN A 43 0.62 21.48 8.54
C GLN A 43 1.96 21.53 7.82
N ARG A 44 2.77 20.48 8.07
CA ARG A 44 4.04 20.33 7.42
C ARG A 44 4.18 18.92 6.84
N MET A 45 4.97 18.83 5.78
CA MET A 45 5.47 17.48 5.34
C MET A 45 6.30 16.96 6.50
N GLU A 46 6.15 15.68 6.85
CA GLU A 46 6.79 15.07 7.97
C GLU A 46 7.54 13.81 7.61
N PRO A 47 8.67 13.55 8.26
CA PRO A 47 9.45 12.38 8.00
C PRO A 47 8.82 11.12 8.54
N ARG A 48 8.97 10.01 7.80
CA ARG A 48 8.46 8.69 8.19
C ARG A 48 9.55 7.61 8.10
N ALA A 49 10.76 7.98 7.71
CA ALA A 49 11.91 7.04 7.66
C ALA A 49 13.12 7.74 8.23
N PRO A 50 14.03 7.01 8.89
CA PRO A 50 15.13 7.68 9.54
C PRO A 50 16.08 8.41 8.62
N TRP A 51 16.29 7.90 7.42
CA TRP A 51 17.24 8.44 6.49
C TRP A 51 16.80 9.75 5.89
N ILE A 52 15.53 10.09 5.98
CA ILE A 52 15.10 11.36 5.40
C ILE A 52 15.21 12.49 6.47
N GLU A 53 15.38 12.11 7.72
CA GLU A 53 15.61 13.07 8.83
C GLU A 53 16.99 13.71 8.69
N GLN A 54 17.84 13.22 7.82
CA GLN A 54 19.14 13.89 7.47
C GLN A 54 18.85 15.24 6.79
N GLU A 55 17.66 15.43 6.19
CA GLU A 55 17.40 16.64 5.43
C GLU A 55 17.15 17.81 6.34
N GLY A 56 17.67 18.95 5.95
CA GLY A 56 17.55 20.16 6.75
C GLY A 56 16.31 20.93 6.55
N PRO A 57 16.13 22.03 7.28
CA PRO A 57 14.88 22.79 7.29
C PRO A 57 14.46 23.29 5.95
N GLU A 58 15.39 23.56 5.05
CA GLU A 58 15.05 24.06 3.75
C GLU A 58 14.30 22.95 2.96
N TYR A 59 14.66 21.71 3.18
CA TYR A 59 13.95 20.59 2.51
C TYR A 59 12.50 20.57 2.97
N TRP A 60 12.27 20.60 4.24
CA TRP A 60 10.95 20.51 4.88
C TRP A 60 10.10 21.73 4.51
N ASP A 61 10.71 22.92 4.41
CA ASP A 61 9.99 24.11 3.99
C ASP A 61 9.56 23.99 2.55
N GLY A 62 10.43 23.50 1.66
CA GLY A 62 10.07 23.41 0.27
C GLY A 62 9.06 22.32 -0.01
N GLU A 63 9.22 21.18 0.65
CA GLU A 63 8.25 20.10 0.45
C GLU A 63 6.87 20.49 0.99
N THR A 64 6.86 21.21 2.11
CA THR A 64 5.62 21.67 2.63
C THR A 64 4.92 22.64 1.72
N ARG A 65 5.67 23.61 1.18
CA ARG A 65 5.09 24.53 0.28
C ARG A 65 4.49 23.84 -0.96
N LYS A 66 5.25 22.94 -1.56
CA LYS A 66 4.79 22.28 -2.76
C LYS A 66 3.62 21.36 -2.48
N VAL A 67 3.62 20.61 -1.39
CA VAL A 67 2.52 19.70 -1.12
C VAL A 67 1.23 20.43 -0.74
N LYS A 68 1.36 21.60 -0.08
CA LYS A 68 0.16 22.40 0.14
C LYS A 68 -0.40 22.91 -1.16
N ALA A 69 0.50 23.26 -2.11
CA ALA A 69 0.01 23.63 -3.43
C ALA A 69 -0.71 22.50 -4.17
N HIS A 70 -0.24 21.29 -4.04
CA HIS A 70 -0.92 20.13 -4.58
C HIS A 70 -2.30 19.99 -4.00
N SER A 71 -2.42 20.26 -2.66
CA SER A 71 -3.73 20.17 -2.02
C SER A 71 -4.73 21.16 -2.59
N GLN A 72 -4.27 22.35 -2.88
CA GLN A 72 -5.14 23.36 -3.49
C GLN A 72 -5.57 22.97 -4.88
N THR A 73 -4.62 22.38 -5.66
CA THR A 73 -5.03 21.90 -6.97
C THR A 73 -6.14 20.89 -6.89
N HIS A 74 -6.00 19.93 -5.98
CA HIS A 74 -7.05 18.96 -5.82
C HIS A 74 -8.39 19.55 -5.35
N ARG A 75 -8.31 20.55 -4.49
CA ARG A 75 -9.53 21.24 -4.06
C ARG A 75 -10.24 21.86 -5.26
N VAL A 76 -9.47 22.51 -6.13
CA VAL A 76 -10.09 23.08 -7.31
C VAL A 76 -10.69 21.95 -8.19
N ASP A 77 -9.90 20.87 -8.36
CA ASP A 77 -10.34 19.79 -9.21
C ASP A 77 -11.66 19.15 -8.74
N LEU A 78 -11.83 18.96 -7.44
CA LEU A 78 -13.05 18.38 -6.95
C LEU A 78 -14.24 19.25 -7.32
N GLY A 79 -14.07 20.57 -7.28
CA GLY A 79 -15.17 21.44 -7.68
C GLY A 79 -15.44 21.39 -9.16
N THR A 80 -14.35 21.37 -9.94
CA THR A 80 -14.48 21.27 -11.41
C THR A 80 -15.13 20.01 -11.87
N LEU A 81 -14.74 18.89 -11.27
CA LEU A 81 -15.21 17.56 -11.67
C LEU A 81 -16.69 17.41 -11.29
N ARG A 82 -17.13 17.98 -10.19
CA ARG A 82 -18.52 17.95 -9.85
C ARG A 82 -19.32 18.57 -10.99
N GLY A 83 -18.80 19.61 -11.60
CA GLY A 83 -19.49 20.28 -12.71
C GLY A 83 -19.39 19.50 -13.97
N TYR A 84 -18.23 18.93 -14.26
CA TYR A 84 -18.12 18.08 -15.46
C TYR A 84 -19.05 16.93 -15.51
N TYR A 85 -19.30 16.32 -14.35
CA TYR A 85 -20.15 15.17 -14.20
C TYR A 85 -21.58 15.50 -13.82
N ASN A 86 -21.92 16.80 -13.77
CA ASN A 86 -23.26 17.25 -13.36
C ASN A 86 -23.74 16.63 -12.05
N GLN A 87 -22.85 16.62 -11.03
CA GLN A 87 -23.18 16.04 -9.74
C GLN A 87 -23.71 17.06 -8.76
N SER A 88 -24.46 16.62 -7.76
CA SER A 88 -24.97 17.43 -6.66
C SER A 88 -23.90 17.91 -5.71
N GLU A 89 -24.20 18.90 -4.89
CA GLU A 89 -23.18 19.40 -3.96
C GLU A 89 -23.33 18.62 -2.65
N ALA A 90 -24.21 17.62 -2.62
CA ALA A 90 -24.48 16.93 -1.43
C ALA A 90 -23.56 15.70 -1.17
N GLY A 91 -22.95 15.18 -2.20
CA GLY A 91 -22.14 13.98 -1.96
C GLY A 91 -20.66 14.25 -1.76
N SER A 92 -20.00 13.28 -1.14
CA SER A 92 -18.54 13.33 -1.00
C SER A 92 -17.91 12.61 -2.17
N HIS A 93 -16.86 13.17 -2.74
CA HIS A 93 -16.18 12.62 -3.89
C HIS A 93 -14.69 12.58 -3.63
N THR A 94 -13.96 11.81 -4.43
CA THR A 94 -12.55 11.57 -4.20
C THR A 94 -11.74 11.79 -5.45
N VAL A 95 -10.60 12.47 -5.33
CA VAL A 95 -9.61 12.54 -6.35
C VAL A 95 -8.35 11.79 -5.84
N GLN A 96 -7.72 11.01 -6.70
CA GLN A 96 -6.47 10.35 -6.36
C GLN A 96 -5.49 10.63 -7.47
N ARG A 97 -4.22 10.81 -7.10
CA ARG A 97 -3.16 11.06 -8.06
C ARG A 97 -1.95 10.26 -7.62
N MET A 98 -1.27 9.60 -8.54
CA MET A 98 0.00 8.94 -8.25
C MET A 98 0.96 9.32 -9.35
N TYR A 99 2.19 9.67 -8.99
CA TYR A 99 3.23 9.85 -10.00
C TYR A 99 4.52 9.37 -9.47
N GLY A 100 5.50 9.15 -10.33
CA GLY A 100 6.78 8.73 -9.85
C GLY A 100 7.76 8.43 -10.98
N CYS A 101 8.95 8.04 -10.59
CA CYS A 101 9.99 7.76 -11.53
C CYS A 101 10.76 6.51 -11.07
N ASP A 102 11.31 5.80 -12.04
CA ASP A 102 12.16 4.66 -11.75
C ASP A 102 13.53 4.92 -12.31
N VAL A 103 14.53 4.39 -11.63
CA VAL A 103 15.90 4.33 -12.16
C VAL A 103 16.24 2.85 -12.32
N GLY A 104 17.12 2.58 -13.27
CA GLY A 104 17.58 1.25 -13.45
C GLY A 104 18.79 0.93 -12.62
N SER A 105 19.40 -0.20 -12.94
CA SER A 105 20.62 -0.56 -12.25
C SER A 105 21.81 0.30 -12.57
N ASP A 106 21.72 1.01 -13.62
CA ASP A 106 22.72 1.98 -14.01
C ASP A 106 22.55 3.36 -13.32
N TRP A 107 21.53 3.44 -12.42
CA TRP A 107 21.15 4.64 -11.71
C TRP A 107 20.68 5.79 -12.61
N ARG A 108 20.27 5.45 -13.83
CA ARG A 108 19.77 6.44 -14.78
C ARG A 108 18.22 6.26 -14.92
N PHE A 109 17.59 7.34 -15.33
CA PHE A 109 16.18 7.30 -15.63
C PHE A 109 15.79 6.11 -16.42
N LEU A 110 14.75 5.38 -16.03
CA LEU A 110 14.21 4.21 -16.66
C LEU A 110 12.80 4.50 -17.19
N ARG A 111 11.91 5.02 -16.34
CA ARG A 111 10.57 5.26 -16.73
C ARG A 111 9.93 6.25 -15.78
N GLY A 112 8.87 6.88 -16.23
CA GLY A 112 8.08 7.79 -15.41
C GLY A 112 6.60 7.49 -15.60
N TYR A 113 5.77 8.01 -14.71
CA TYR A 113 4.33 7.78 -14.80
C TYR A 113 3.61 8.82 -13.97
N HIS A 114 2.34 9.05 -14.39
CA HIS A 114 1.46 10.03 -13.75
C HIS A 114 0.01 9.61 -14.03
N GLN A 115 -0.75 9.28 -13.00
CA GLN A 115 -2.05 8.75 -13.12
C GLN A 115 -3.01 9.55 -12.23
N TYR A 116 -4.23 9.77 -12.71
CA TYR A 116 -5.24 10.52 -11.96
C TYR A 116 -6.58 9.77 -12.04
N ALA A 117 -7.29 9.66 -10.92
CA ALA A 117 -8.60 9.02 -10.80
C ALA A 117 -9.60 9.95 -10.11
N TYR A 118 -10.86 9.80 -10.52
CA TYR A 118 -11.98 10.47 -9.89
C TYR A 118 -12.98 9.39 -9.46
N ASP A 119 -13.39 9.41 -8.21
CA ASP A 119 -14.30 8.43 -7.61
C ASP A 119 -13.83 6.98 -7.88
N GLY A 120 -12.53 6.78 -7.80
CA GLY A 120 -11.96 5.42 -7.88
C GLY A 120 -11.91 4.83 -9.24
N LYS A 121 -12.04 5.65 -10.25
CA LYS A 121 -11.98 5.23 -11.65
C LYS A 121 -10.97 6.06 -12.39
N ASP A 122 -10.32 5.46 -13.36
CA ASP A 122 -9.38 6.17 -14.20
C ASP A 122 -10.00 7.44 -14.78
N TYR A 123 -9.27 8.54 -14.76
CA TYR A 123 -9.70 9.77 -15.31
C TYR A 123 -8.73 10.19 -16.43
N ILE A 124 -7.50 10.49 -16.13
CA ILE A 124 -6.51 10.85 -17.11
C ILE A 124 -5.14 10.37 -16.67
N ALA A 125 -4.28 10.00 -17.61
CA ALA A 125 -2.92 9.48 -17.30
C ALA A 125 -1.96 9.88 -18.41
N LEU A 126 -0.73 10.07 -18.05
CA LEU A 126 0.31 10.23 -19.05
C LEU A 126 0.53 8.88 -19.73
N LYS A 127 0.79 8.92 -21.03
CA LYS A 127 1.22 7.72 -21.75
C LYS A 127 2.70 7.40 -21.39
N GLU A 128 3.12 6.21 -21.73
CA GLU A 128 4.46 5.72 -21.42
C GLU A 128 5.56 6.68 -21.85
N ASP A 129 5.46 7.33 -23.01
CA ASP A 129 6.49 8.23 -23.49
C ASP A 129 6.49 9.56 -22.78
N LEU A 130 5.52 9.81 -21.90
CA LEU A 130 5.50 11.08 -21.17
C LEU A 130 5.24 12.30 -21.98
N ARG A 131 4.63 12.07 -23.17
CA ARG A 131 4.44 13.19 -24.14
C ARG A 131 2.98 13.41 -24.55
N SER A 132 2.11 12.54 -24.10
CA SER A 132 0.67 12.60 -24.45
C SER A 132 -0.14 11.95 -23.35
N TRP A 133 -1.46 12.15 -23.44
CA TRP A 133 -2.40 11.73 -22.42
C TRP A 133 -3.42 10.69 -22.86
N THR A 134 -3.80 9.83 -21.95
CA THR A 134 -4.92 8.89 -22.08
C THR A 134 -6.10 9.39 -21.24
N ALA A 135 -7.16 9.77 -21.90
CA ALA A 135 -8.39 10.26 -21.24
C ALA A 135 -9.38 9.09 -21.26
N ALA A 136 -9.97 8.76 -20.14
CA ALA A 136 -10.84 7.63 -20.00
C ALA A 136 -12.25 7.83 -20.53
N ASP A 137 -12.72 9.06 -20.58
CA ASP A 137 -14.10 9.41 -20.93
C ASP A 137 -14.10 10.81 -21.50
N MET A 138 -15.31 11.29 -21.89
CA MET A 138 -15.43 12.56 -22.58
C MET A 138 -15.14 13.74 -21.67
N ALA A 139 -15.41 13.65 -20.35
CA ALA A 139 -15.05 14.66 -19.43
C ALA A 139 -13.58 14.88 -19.45
N ALA A 140 -12.82 13.82 -19.37
CA ALA A 140 -11.35 13.88 -19.37
C ALA A 140 -10.79 14.41 -20.66
N GLN A 141 -11.55 14.35 -21.77
CA GLN A 141 -11.07 14.95 -23.00
C GLN A 141 -10.92 16.46 -22.84
N THR A 142 -11.79 17.13 -22.07
CA THR A 142 -11.60 18.55 -21.77
C THR A 142 -10.28 18.81 -21.15
N THR A 143 -9.99 17.99 -20.13
CA THR A 143 -8.71 18.14 -19.43
C THR A 143 -7.58 17.89 -20.35
N LYS A 144 -7.64 16.85 -21.15
CA LYS A 144 -6.56 16.51 -22.10
C LYS A 144 -6.27 17.73 -22.99
N HIS A 145 -7.33 18.33 -23.58
CA HIS A 145 -7.11 19.43 -24.48
C HIS A 145 -6.54 20.66 -23.77
N LYS A 146 -7.00 20.91 -22.55
CA LYS A 146 -6.50 22.02 -21.73
C LYS A 146 -5.00 21.80 -21.44
N TRP A 147 -4.65 20.57 -21.09
CA TRP A 147 -3.29 20.24 -20.74
C TRP A 147 -2.35 20.24 -21.95
N GLU A 148 -2.88 19.83 -23.08
CA GLU A 148 -2.09 19.90 -24.30
C GLU A 148 -1.78 21.34 -24.64
N ALA A 149 -2.74 22.24 -24.52
CA ALA A 149 -2.55 23.67 -24.83
C ALA A 149 -1.55 24.32 -23.94
N ALA A 150 -1.51 23.92 -22.67
CA ALA A 150 -0.63 24.48 -21.68
C ALA A 150 0.69 23.70 -21.53
N HIS A 151 0.93 22.74 -22.40
CA HIS A 151 2.18 22.00 -22.40
C HIS A 151 2.50 21.41 -21.07
N VAL A 152 1.49 20.84 -20.46
CA VAL A 152 1.66 20.21 -19.16
C VAL A 152 2.50 18.95 -19.13
N ALA A 153 2.40 18.14 -20.18
CA ALA A 153 3.19 16.94 -20.26
C ALA A 153 4.68 17.28 -20.20
N GLU A 154 5.11 18.29 -20.97
CA GLU A 154 6.53 18.64 -21.04
C GLU A 154 7.01 19.06 -19.69
N GLN A 155 6.18 19.76 -18.96
CA GLN A 155 6.55 20.20 -17.63
C GLN A 155 6.69 19.04 -16.65
N LEU A 156 5.81 18.09 -16.76
CA LEU A 156 5.86 16.91 -15.89
C LEU A 156 7.06 16.07 -16.26
N ARG A 157 7.31 15.92 -17.58
CA ARG A 157 8.42 15.11 -18.04
C ARG A 157 9.76 15.68 -17.58
N ALA A 158 9.85 16.98 -17.56
CA ALA A 158 11.04 17.67 -17.07
C ALA A 158 11.39 17.24 -15.62
N TYR A 159 10.37 17.14 -14.79
CA TYR A 159 10.55 16.68 -13.43
C TYR A 159 10.83 15.18 -13.40
N LEU A 160 10.03 14.38 -14.07
CA LEU A 160 10.15 12.93 -13.99
C LEU A 160 11.51 12.42 -14.47
N GLU A 161 12.02 13.08 -15.50
CA GLU A 161 13.32 12.68 -16.09
C GLU A 161 14.48 13.40 -15.48
N GLY A 162 14.27 14.39 -14.63
CA GLY A 162 15.28 15.20 -14.06
C GLY A 162 15.32 15.24 -12.56
N THR A 163 14.69 16.20 -11.96
CA THR A 163 14.64 16.39 -10.53
C THR A 163 14.19 15.11 -9.82
N CYS A 164 13.20 14.44 -10.36
CA CYS A 164 12.66 13.24 -9.71
C CYS A 164 13.77 12.19 -9.51
N VAL A 165 14.51 11.91 -10.56
CA VAL A 165 15.61 10.95 -10.59
C VAL A 165 16.75 11.42 -9.66
N GLU A 166 17.02 12.71 -9.63
CA GLU A 166 18.07 13.23 -8.75
C GLU A 166 17.71 13.04 -7.30
N TRP A 167 16.45 13.28 -6.93
CA TRP A 167 16.05 13.00 -5.55
C TRP A 167 16.21 11.51 -5.24
N LEU A 168 15.70 10.67 -6.14
CA LEU A 168 15.74 9.21 -5.90
C LEU A 168 17.20 8.78 -5.66
N ARG A 169 18.12 9.23 -6.48
CA ARG A 169 19.51 8.83 -6.30
C ARG A 169 20.06 9.30 -4.96
N ARG A 170 19.70 10.51 -4.54
CA ARG A 170 20.11 11.01 -3.21
C ARG A 170 19.56 10.13 -2.08
N TYR A 171 18.27 9.80 -2.18
CA TYR A 171 17.66 8.99 -1.15
C TYR A 171 18.25 7.59 -1.07
N LEU A 172 18.47 7.00 -2.26
CA LEU A 172 19.05 5.67 -2.27
C LEU A 172 20.36 5.62 -1.57
N GLU A 173 21.23 6.60 -1.84
CA GLU A 173 22.52 6.64 -1.11
C GLU A 173 22.35 6.91 0.36
N ASN A 174 21.57 7.92 0.74
CA ASN A 174 21.43 8.27 2.14
C ASN A 174 20.80 7.17 2.96
N GLY A 175 19.87 6.47 2.35
CA GLY A 175 19.19 5.34 2.97
C GLY A 175 19.67 3.97 2.50
N LYS A 176 20.92 3.87 2.10
CA LYS A 176 21.42 2.62 1.53
C LYS A 176 21.30 1.42 2.41
N GLU A 177 21.48 1.62 3.68
CA GLU A 177 21.44 0.46 4.59
C GLU A 177 20.17 -0.29 4.58
N THR A 178 19.08 0.34 4.21
CA THR A 178 17.81 -0.34 4.10
C THR A 178 17.25 -0.33 2.69
N LEU A 179 17.25 0.83 2.00
CA LEU A 179 16.63 0.94 0.71
C LEU A 179 17.31 0.07 -0.32
N GLN A 180 18.63 -0.18 -0.19
CA GLN A 180 19.33 -1.02 -1.14
C GLN A 180 19.70 -2.36 -0.58
N ARG A 181 19.08 -2.77 0.49
CA ARG A 181 19.26 -4.12 1.06
C ARG A 181 17.95 -4.88 0.75
N THR A 182 18.09 -6.10 0.26
CA THR A 182 16.95 -7.01 0.17
C THR A 182 16.95 -7.91 1.38
N ASP A 183 15.74 -8.18 1.88
CA ASP A 183 15.55 -9.11 2.97
C ASP A 183 14.86 -10.35 2.40
N ALA A 184 15.63 -11.41 2.24
CA ALA A 184 15.09 -12.64 1.73
C ALA A 184 14.08 -13.18 2.74
N PRO A 185 13.03 -13.87 2.26
CA PRO A 185 12.09 -14.45 3.18
C PRO A 185 12.71 -15.49 4.08
N LYS A 186 12.30 -15.50 5.30
CA LYS A 186 12.62 -16.55 6.26
C LYS A 186 11.50 -17.53 6.09
N THR A 187 11.81 -18.72 5.62
CA THR A 187 10.79 -19.70 5.30
C THR A 187 10.78 -20.93 6.15
N HIS A 188 9.57 -21.44 6.39
CA HIS A 188 9.41 -22.69 7.13
C HIS A 188 8.09 -23.29 6.81
N MET A 189 7.95 -24.58 7.08
CA MET A 189 6.72 -25.29 6.86
C MET A 189 6.14 -25.83 8.15
N THR A 190 4.86 -25.80 8.30
CA THR A 190 4.17 -26.45 9.42
C THR A 190 3.33 -27.54 8.87
N HIS A 191 2.96 -28.45 9.75
CA HIS A 191 2.15 -29.62 9.50
C HIS A 191 1.16 -29.82 10.62
N HIS A 192 -0.07 -30.01 10.23
CA HIS A 192 -1.07 -30.38 11.27
C HIS A 192 -2.16 -31.28 10.67
N ALA A 193 -2.56 -32.23 11.46
CA ALA A 193 -3.61 -33.14 11.00
C ALA A 193 -4.95 -32.48 10.95
N VAL A 194 -5.73 -32.73 9.89
CA VAL A 194 -7.13 -32.24 9.84
C VAL A 194 -8.11 -33.42 9.97
N SER A 195 -7.55 -34.63 10.11
CA SER A 195 -8.30 -35.87 10.33
C SER A 195 -7.28 -36.91 10.54
N ASP A 196 -7.72 -38.14 10.68
CA ASP A 196 -6.79 -39.23 10.88
C ASP A 196 -6.11 -39.60 9.55
N HIS A 197 -6.56 -39.05 8.44
CA HIS A 197 -6.06 -39.42 7.14
C HIS A 197 -5.56 -38.31 6.21
N GLU A 198 -5.69 -37.08 6.68
CA GLU A 198 -5.28 -35.89 5.92
C GLU A 198 -4.57 -34.95 6.80
N ALA A 199 -3.71 -34.15 6.20
CA ALA A 199 -2.97 -33.13 6.92
C ALA A 199 -2.89 -31.89 6.09
N THR A 200 -2.71 -30.73 6.76
CA THR A 200 -2.39 -29.50 6.05
C THR A 200 -0.95 -29.15 6.20
N LEU A 201 -0.31 -28.84 5.09
CA LEU A 201 1.01 -28.29 5.03
C LEU A 201 0.95 -26.81 4.70
N ARG A 202 1.55 -25.98 5.55
CA ARG A 202 1.51 -24.54 5.33
C ARG A 202 2.93 -24.03 5.22
N CYS A 203 3.23 -23.41 4.09
CA CYS A 203 4.53 -22.81 3.76
C CYS A 203 4.47 -21.30 4.09
N TRP A 204 5.35 -20.85 5.00
CA TRP A 204 5.42 -19.49 5.44
C TRP A 204 6.61 -18.77 4.89
N ALA A 205 6.40 -17.53 4.48
CA ALA A 205 7.47 -16.63 4.07
C ALA A 205 7.31 -15.39 4.96
N LEU A 206 8.33 -15.11 5.74
CA LEU A 206 8.27 -14.03 6.70
C LEU A 206 9.46 -13.08 6.59
N SER A 207 9.21 -11.83 7.03
CA SER A 207 10.21 -10.85 7.20
C SER A 207 10.94 -10.50 5.90
N PHE A 208 10.23 -10.47 4.76
CA PHE A 208 10.88 -10.20 3.52
C PHE A 208 10.57 -8.77 2.98
N TYR A 209 11.51 -8.32 2.15
CA TYR A 209 11.46 -7.01 1.53
C TYR A 209 12.29 -7.06 0.26
N PRO A 210 11.77 -6.56 -0.87
CA PRO A 210 10.48 -5.92 -1.05
C PRO A 210 9.27 -6.87 -1.01
N ALA A 211 8.08 -6.37 -1.22
CA ALA A 211 6.90 -7.14 -1.08
C ALA A 211 6.65 -8.19 -2.14
N GLU A 212 7.11 -7.98 -3.36
CA GLU A 212 6.89 -8.94 -4.46
C GLU A 212 7.46 -10.32 -4.08
N ILE A 213 6.62 -11.33 -4.22
CA ILE A 213 7.04 -12.69 -3.90
C ILE A 213 6.12 -13.65 -4.68
N THR A 214 6.60 -14.87 -4.88
CA THR A 214 5.76 -15.99 -5.40
C THR A 214 5.97 -17.22 -4.60
N LEU A 215 4.88 -17.78 -4.12
CA LEU A 215 4.83 -19.07 -3.42
C LEU A 215 4.02 -20.05 -4.25
N THR A 216 4.60 -21.18 -4.56
CA THR A 216 3.93 -22.18 -5.44
C THR A 216 4.12 -23.59 -4.85
N TRP A 217 3.06 -24.35 -4.75
CA TRP A 217 3.16 -25.75 -4.39
C TRP A 217 3.31 -26.63 -5.63
N GLN A 218 4.06 -27.71 -5.49
CA GLN A 218 4.19 -28.74 -6.51
C GLN A 218 3.99 -30.13 -5.88
N ARG A 219 3.47 -31.04 -6.71
CA ARG A 219 3.30 -32.43 -6.31
C ARG A 219 4.05 -33.22 -7.36
N ASP A 220 5.03 -33.96 -6.88
CA ASP A 220 5.90 -34.77 -7.72
C ASP A 220 6.54 -33.90 -8.82
N GLY A 221 6.86 -32.65 -8.51
CA GLY A 221 7.49 -31.83 -9.54
C GLY A 221 6.64 -30.96 -10.47
N GLU A 222 5.33 -31.03 -10.42
CA GLU A 222 4.42 -30.19 -11.24
C GLU A 222 3.50 -29.32 -10.38
N ASP A 223 3.15 -28.14 -10.89
CA ASP A 223 2.39 -27.13 -10.13
C ASP A 223 1.07 -27.68 -9.65
N GLN A 224 0.73 -27.44 -8.39
CA GLN A 224 -0.51 -27.92 -7.80
C GLN A 224 -1.18 -26.68 -7.37
N THR A 225 -2.35 -26.37 -7.92
CA THR A 225 -3.20 -25.27 -7.45
C THR A 225 -4.51 -25.84 -6.76
N GLN A 226 -4.97 -27.01 -7.19
CA GLN A 226 -6.08 -27.59 -6.44
C GLN A 226 -5.72 -27.93 -5.00
N ASP A 227 -6.72 -27.84 -4.16
CA ASP A 227 -6.60 -28.17 -2.74
C ASP A 227 -5.57 -27.30 -2.04
N THR A 228 -5.31 -26.11 -2.58
CA THR A 228 -4.44 -25.10 -1.93
C THR A 228 -5.21 -23.88 -1.43
N GLU A 229 -4.61 -23.10 -0.52
CA GLU A 229 -5.24 -21.90 0.07
C GLU A 229 -4.06 -20.96 0.36
N LEU A 230 -4.36 -19.69 0.49
CA LEU A 230 -3.32 -18.71 0.74
C LEU A 230 -3.89 -17.47 1.31
N VAL A 231 -2.96 -16.60 1.66
CA VAL A 231 -3.33 -15.25 2.06
C VAL A 231 -2.63 -14.28 1.19
N GLU A 232 -3.22 -13.11 1.03
CA GLU A 232 -2.55 -12.02 0.32
C GLU A 232 -1.37 -11.49 1.13
N THR A 233 -0.37 -11.03 0.44
CA THR A 233 0.84 -10.48 1.08
C THR A 233 0.41 -9.37 2.00
N ARG A 234 0.98 -9.31 3.20
CA ARG A 234 0.56 -8.38 4.22
C ARG A 234 1.77 -7.80 4.94
N PRO A 235 1.61 -6.57 5.41
CA PRO A 235 2.74 -5.94 6.13
C PRO A 235 2.90 -6.45 7.51
N ALA A 236 4.14 -6.68 7.94
CA ALA A 236 4.42 -7.14 9.31
C ALA A 236 4.26 -5.99 10.27
N GLY A 237 4.50 -4.75 9.83
CA GLY A 237 4.46 -3.58 10.67
C GLY A 237 5.83 -2.98 10.97
N ASP A 238 6.87 -3.71 10.70
CA ASP A 238 8.23 -3.28 10.88
C ASP A 238 8.96 -3.00 9.56
N GLY A 239 8.19 -2.83 8.51
CA GLY A 239 8.71 -2.57 7.21
C GLY A 239 8.87 -3.77 6.30
N THR A 240 8.72 -4.96 6.82
CA THR A 240 8.79 -6.19 6.04
C THR A 240 7.38 -6.72 5.80
N PHE A 241 7.31 -7.82 5.05
CA PHE A 241 6.08 -8.41 4.61
C PHE A 241 6.02 -9.92 4.93
N GLN A 242 4.82 -10.48 4.86
CA GLN A 242 4.50 -11.84 5.22
C GLN A 242 3.57 -12.45 4.18
N LYS A 243 3.65 -13.78 3.98
CA LYS A 243 2.70 -14.49 3.15
C LYS A 243 2.79 -15.97 3.51
N TRP A 244 1.68 -16.69 3.28
CA TRP A 244 1.72 -18.13 3.39
C TRP A 244 0.85 -18.77 2.32
N ALA A 245 1.08 -20.06 2.08
CA ALA A 245 0.32 -20.85 1.10
C ALA A 245 0.20 -22.25 1.76
N ALA A 246 -0.94 -22.87 1.63
CA ALA A 246 -1.17 -24.17 2.27
C ALA A 246 -1.82 -25.17 1.26
N VAL A 247 -1.60 -26.45 1.48
CA VAL A 247 -2.22 -27.52 0.71
C VAL A 247 -2.65 -28.62 1.68
N VAL A 248 -3.78 -29.27 1.37
CA VAL A 248 -4.24 -30.43 2.13
C VAL A 248 -3.80 -31.68 1.34
N VAL A 249 -3.21 -32.62 2.06
CA VAL A 249 -2.65 -33.81 1.46
C VAL A 249 -3.03 -35.07 2.21
N PRO A 250 -2.95 -36.22 1.59
CA PRO A 250 -3.16 -37.47 2.34
C PRO A 250 -2.03 -37.68 3.34
N SER A 251 -2.32 -38.03 4.62
CA SER A 251 -1.30 -38.29 5.56
C SER A 251 -0.44 -39.42 5.05
N GLY A 252 0.87 -39.27 5.22
CA GLY A 252 1.85 -40.19 4.75
C GLY A 252 2.43 -39.87 3.40
N GLN A 253 1.80 -38.94 2.67
CA GLN A 253 2.28 -38.56 1.37
C GLN A 253 2.94 -37.22 1.29
N GLU A 254 3.29 -36.68 2.43
CA GLU A 254 3.80 -35.33 2.53
C GLU A 254 5.04 -35.12 1.66
N GLN A 255 5.88 -36.11 1.57
CA GLN A 255 7.14 -35.97 0.88
C GLN A 255 7.03 -35.72 -0.62
N ARG A 256 5.85 -35.95 -1.18
CA ARG A 256 5.59 -35.66 -2.58
C ARG A 256 5.51 -34.16 -2.90
N TYR A 257 5.21 -33.39 -1.86
CA TYR A 257 4.87 -32.00 -2.01
C TYR A 257 6.06 -31.08 -1.72
N THR A 258 6.17 -30.07 -2.54
CA THR A 258 7.25 -29.08 -2.33
C THR A 258 6.67 -27.69 -2.48
N CYS A 259 7.17 -26.76 -1.65
CA CYS A 259 6.80 -25.32 -1.74
C CYS A 259 8.02 -24.58 -2.31
N HIS A 260 7.76 -23.83 -3.35
CA HIS A 260 8.76 -23.10 -4.10
C HIS A 260 8.55 -21.59 -3.85
N VAL A 261 9.62 -20.98 -3.46
CA VAL A 261 9.64 -19.56 -3.07
C VAL A 261 10.58 -18.77 -4.00
N GLN A 262 10.02 -17.79 -4.68
CA GLN A 262 10.81 -16.87 -5.53
C GLN A 262 10.72 -15.46 -4.93
N HIS A 263 11.90 -14.84 -4.79
CA HIS A 263 11.98 -13.50 -4.24
C HIS A 263 13.29 -12.92 -4.72
N GLU A 264 13.34 -11.59 -4.91
CA GLU A 264 14.57 -10.98 -5.42
C GLU A 264 15.73 -11.06 -4.49
N GLY A 265 15.52 -11.28 -3.20
CA GLY A 265 16.57 -11.47 -2.21
C GLY A 265 17.17 -12.85 -2.21
N LEU A 266 16.60 -13.75 -3.03
CA LEU A 266 17.11 -15.11 -3.14
C LEU A 266 17.88 -15.27 -4.45
N PRO A 267 19.15 -15.61 -4.37
CA PRO A 267 19.96 -15.88 -5.58
C PRO A 267 19.41 -17.03 -6.44
N LYS A 268 18.72 -17.95 -5.79
CA LYS A 268 18.00 -18.99 -6.51
C LYS A 268 16.76 -19.33 -5.69
N PRO A 269 15.68 -19.67 -6.33
CA PRO A 269 14.43 -19.98 -5.56
C PRO A 269 14.63 -21.10 -4.58
N LEU A 270 13.87 -21.03 -3.46
CA LEU A 270 13.99 -22.06 -2.47
C LEU A 270 12.91 -23.08 -2.67
N THR A 271 13.29 -24.31 -2.33
CA THR A 271 12.35 -25.45 -2.31
C THR A 271 12.25 -26.03 -0.96
N LEU A 272 11.06 -26.07 -0.40
CA LEU A 272 10.89 -26.62 0.93
C LEU A 272 10.05 -27.90 0.85
N ARG A 273 10.42 -28.86 1.71
CA ARG A 273 9.70 -30.12 1.82
C ARG A 273 9.52 -30.43 3.29
N TRP A 274 8.46 -31.12 3.59
CA TRP A 274 8.26 -31.55 4.96
C TRP A 274 9.15 -32.84 5.14
N GLU A 275 9.69 -32.90 6.31
CA GLU A 275 10.38 -34.07 6.93
C GLU A 275 10.23 -35.31 6.12
N MET B 1 -21.60 6.09 -7.52
CA MET B 1 -20.13 5.93 -7.38
C MET B 1 -19.79 4.46 -7.11
N ILE B 2 -18.53 4.13 -7.36
CA ILE B 2 -17.99 2.79 -7.10
C ILE B 2 -17.69 2.58 -5.64
N GLN B 3 -18.24 1.49 -5.08
CA GLN B 3 -18.03 1.13 -3.66
C GLN B 3 -17.50 -0.29 -3.60
N ARG B 4 -16.42 -0.43 -2.86
CA ARG B 4 -15.74 -1.72 -2.69
C ARG B 4 -15.54 -1.99 -1.25
N THR B 5 -15.92 -3.23 -0.85
CA THR B 5 -15.91 -3.57 0.56
C THR B 5 -14.51 -3.96 1.02
N PRO B 6 -14.19 -3.65 2.28
CA PRO B 6 -12.80 -4.02 2.68
C PRO B 6 -12.53 -5.51 2.87
N LYS B 7 -11.35 -5.92 2.46
CA LYS B 7 -10.76 -7.23 2.79
C LYS B 7 -10.05 -7.02 4.15
N ILE B 8 -10.09 -7.98 5.03
CA ILE B 8 -9.56 -7.86 6.36
C ILE B 8 -8.70 -9.05 6.73
N GLN B 9 -7.51 -8.79 7.20
CA GLN B 9 -6.64 -9.80 7.83
C GLN B 9 -6.23 -9.35 9.23
N VAL B 10 -6.34 -10.26 10.17
CA VAL B 10 -5.99 -10.00 11.56
C VAL B 10 -4.92 -11.02 11.97
N TYR B 11 -3.80 -10.58 12.43
CA TYR B 11 -2.62 -11.42 12.63
C TYR B 11 -1.64 -10.73 13.51
N SER B 12 -0.68 -11.51 14.03
CA SER B 12 0.38 -10.96 14.86
C SER B 12 1.63 -10.79 14.03
N ARG B 13 2.49 -9.87 14.47
CA ARG B 13 3.74 -9.67 13.73
C ARG B 13 4.65 -10.92 13.86
N HIS B 14 4.69 -11.49 15.06
CA HIS B 14 5.54 -12.66 15.36
C HIS B 14 4.67 -13.78 15.86
N PRO B 15 5.18 -15.04 15.93
CA PRO B 15 4.41 -16.15 16.52
C PRO B 15 4.01 -15.85 17.91
N ALA B 16 2.79 -16.19 18.20
CA ALA B 16 2.22 -15.94 19.48
C ALA B 16 2.80 -16.83 20.56
N GLU B 17 3.16 -16.22 21.67
CA GLU B 17 3.60 -16.94 22.82
C GLU B 17 2.95 -16.31 24.00
N ASN B 18 2.18 -17.09 24.80
CA ASN B 18 1.57 -16.46 25.95
C ASN B 18 2.51 -15.82 26.89
N GLY B 19 2.20 -14.64 27.34
CA GLY B 19 3.02 -13.91 28.25
C GLY B 19 4.20 -13.18 27.63
N LYS B 20 4.35 -13.25 26.28
CA LYS B 20 5.45 -12.55 25.57
C LYS B 20 4.90 -11.39 24.69
N SER B 21 5.53 -10.28 24.78
CA SER B 21 5.15 -9.08 24.04
C SER B 21 5.22 -9.35 22.50
N ASN B 22 4.29 -8.75 21.78
CA ASN B 22 4.13 -8.94 20.35
C ASN B 22 3.37 -7.72 19.82
N PHE B 23 2.97 -7.80 18.57
CA PHE B 23 2.16 -6.79 17.90
C PHE B 23 0.98 -7.43 17.19
N LEU B 24 -0.21 -6.84 17.40
CA LEU B 24 -1.46 -7.28 16.75
C LEU B 24 -1.77 -6.33 15.62
N ASN B 25 -1.98 -6.91 14.45
CA ASN B 25 -2.23 -6.15 13.24
C ASN B 25 -3.63 -6.44 12.67
N CYS B 26 -4.24 -5.39 12.11
CA CYS B 26 -5.42 -5.54 11.36
C CYS B 26 -5.16 -4.79 10.03
N TYR B 27 -5.02 -5.54 8.94
CA TYR B 27 -4.75 -5.00 7.63
C TYR B 27 -6.03 -4.97 6.80
N VAL B 28 -6.46 -3.78 6.45
CA VAL B 28 -7.70 -3.59 5.70
C VAL B 28 -7.30 -3.10 4.35
N SER B 29 -7.83 -3.66 3.28
CA SER B 29 -7.46 -3.33 1.90
C SER B 29 -8.57 -3.51 0.94
N GLY B 30 -8.37 -2.99 -0.29
CA GLY B 30 -9.38 -3.19 -1.31
C GLY B 30 -10.63 -2.41 -1.21
N PHE B 31 -10.68 -1.39 -0.38
CA PHE B 31 -11.94 -0.69 -0.14
C PHE B 31 -12.02 0.69 -0.83
N HIS B 32 -13.22 1.16 -1.05
CA HIS B 32 -13.45 2.51 -1.63
C HIS B 32 -14.89 2.82 -1.32
N PRO B 33 -15.21 3.99 -0.81
CA PRO B 33 -14.35 5.16 -0.52
C PRO B 33 -13.45 4.96 0.70
N SER B 34 -12.61 5.94 1.02
CA SER B 34 -11.59 5.82 2.02
C SER B 34 -12.05 5.83 3.46
N ASP B 35 -13.16 6.44 3.73
CA ASP B 35 -13.64 6.57 5.15
C ASP B 35 -13.91 5.16 5.69
N ILE B 36 -13.28 4.87 6.81
CA ILE B 36 -13.43 3.57 7.43
C ILE B 36 -13.13 3.70 8.92
N GLU B 37 -13.81 2.83 9.72
CA GLU B 37 -13.56 2.80 11.15
C GLU B 37 -12.99 1.46 11.51
N VAL B 38 -11.86 1.46 12.19
CA VAL B 38 -11.20 0.21 12.61
C VAL B 38 -10.80 0.30 14.05
N ASP B 39 -11.23 -0.75 14.81
CA ASP B 39 -10.77 -0.91 16.17
C ASP B 39 -10.22 -2.31 16.36
N LEU B 40 -9.28 -2.42 17.26
CA LEU B 40 -8.77 -3.71 17.71
C LEU B 40 -9.44 -3.95 19.06
N LEU B 41 -9.88 -5.17 19.31
CA LEU B 41 -10.64 -5.48 20.54
C LEU B 41 -9.88 -6.58 21.34
N LYS B 42 -9.99 -6.46 22.68
CA LYS B 42 -9.51 -7.41 23.64
C LYS B 42 -10.70 -7.81 24.48
N ASN B 43 -11.13 -9.04 24.36
CA ASN B 43 -12.29 -9.56 25.07
C ASN B 43 -13.50 -8.64 24.87
N GLY B 44 -13.67 -8.21 23.65
CA GLY B 44 -14.76 -7.40 23.20
C GLY B 44 -14.69 -5.91 23.41
N GLU B 45 -13.68 -5.39 24.10
CA GLU B 45 -13.49 -4.03 24.39
C GLU B 45 -12.41 -3.41 23.51
N ARG B 46 -12.60 -2.16 23.16
CA ARG B 46 -11.64 -1.44 22.31
C ARG B 46 -10.33 -1.26 23.04
N ILE B 47 -9.23 -1.59 22.36
CA ILE B 47 -7.88 -1.33 22.84
C ILE B 47 -7.58 0.16 22.60
N GLU B 48 -7.07 0.81 23.64
CA GLU B 48 -6.77 2.24 23.55
C GLU B 48 -5.67 2.71 22.63
N LYS B 49 -4.54 2.13 22.76
CA LYS B 49 -3.42 2.74 22.08
C LYS B 49 -3.17 2.01 20.77
N VAL B 50 -4.08 2.23 19.85
CA VAL B 50 -3.97 1.57 18.51
C VAL B 50 -3.59 2.69 17.56
N GLU B 51 -2.61 2.41 16.74
CA GLU B 51 -2.14 3.35 15.74
C GLU B 51 -2.38 2.83 14.34
N HIS B 52 -2.28 3.70 13.36
CA HIS B 52 -2.48 3.28 11.99
C HIS B 52 -1.59 3.95 11.02
N SER B 53 -1.43 3.30 9.89
CA SER B 53 -0.60 3.82 8.80
C SER B 53 -1.27 4.96 8.05
N ASP B 54 -0.50 5.69 7.24
CA ASP B 54 -1.05 6.72 6.42
C ASP B 54 -1.71 6.15 5.15
N LEU B 55 -2.87 6.65 4.86
CA LEU B 55 -3.69 6.19 3.72
C LEU B 55 -2.96 6.13 2.41
N SER B 56 -2.93 4.97 1.80
CA SER B 56 -2.40 4.80 0.45
C SER B 56 -3.32 3.96 -0.38
N PHE B 57 -2.97 3.67 -1.60
CA PHE B 57 -3.82 2.94 -2.52
C PHE B 57 -3.09 2.10 -3.52
N SER B 58 -3.82 1.16 -4.12
CA SER B 58 -3.28 0.19 -5.02
C SER B 58 -3.51 0.50 -6.49
N LYS B 59 -3.07 -0.40 -7.34
CA LYS B 59 -3.26 -0.21 -8.79
C LYS B 59 -4.69 -0.04 -9.28
N ASP B 60 -5.63 -0.63 -8.60
CA ASP B 60 -7.01 -0.48 -8.95
C ASP B 60 -7.70 0.72 -8.26
N TRP B 61 -6.88 1.55 -7.64
CA TRP B 61 -7.30 2.73 -6.88
C TRP B 61 -7.92 2.44 -5.49
N SER B 62 -8.05 1.19 -5.11
CA SER B 62 -8.58 0.86 -3.81
C SER B 62 -7.59 1.17 -2.73
N PHE B 63 -8.12 1.50 -1.58
CA PHE B 63 -7.30 1.93 -0.44
C PHE B 63 -6.84 0.77 0.48
N TYR B 64 -5.76 1.03 1.24
CA TYR B 64 -5.32 0.12 2.24
C TYR B 64 -4.74 0.81 3.44
N LEU B 65 -4.90 0.25 4.61
CA LEU B 65 -4.42 0.74 5.88
C LEU B 65 -3.98 -0.40 6.77
N LEU B 66 -3.01 -0.19 7.65
CA LEU B 66 -2.64 -1.10 8.69
C LEU B 66 -2.91 -0.47 10.05
N TYR B 67 -3.69 -1.10 10.90
CA TYR B 67 -3.92 -0.68 12.28
C TYR B 67 -3.16 -1.69 13.18
N TYR B 68 -2.52 -1.24 14.23
CA TYR B 68 -1.65 -2.06 15.05
C TYR B 68 -1.53 -1.57 16.45
N THR B 69 -1.20 -2.52 17.31
CA THR B 69 -0.85 -2.21 18.69
C THR B 69 0.09 -3.24 19.29
N GLU B 70 0.92 -2.85 20.24
CA GLU B 70 1.67 -3.77 21.01
C GLU B 70 0.68 -4.51 21.91
N PHE B 71 0.88 -5.79 22.11
CA PHE B 71 0.11 -6.57 23.04
C PHE B 71 0.83 -7.78 23.55
N THR B 72 0.31 -8.38 24.64
CA THR B 72 0.87 -9.60 25.17
C THR B 72 -0.25 -10.59 25.30
N PRO B 73 -0.28 -11.58 24.38
CA PRO B 73 -1.37 -12.56 24.34
C PRO B 73 -1.28 -13.54 25.48
N THR B 74 -2.40 -14.21 25.75
CA THR B 74 -2.50 -15.20 26.86
C THR B 74 -3.45 -16.19 26.45
N GLU B 75 -3.60 -17.21 27.28
CA GLU B 75 -4.45 -18.31 26.90
C GLU B 75 -5.89 -17.86 26.97
N LYS B 76 -6.26 -17.05 27.95
CA LYS B 76 -7.72 -16.77 28.15
C LYS B 76 -8.18 -15.62 27.28
N ASP B 77 -7.26 -14.71 26.92
CA ASP B 77 -7.73 -13.54 26.18
C ASP B 77 -8.06 -13.83 24.71
N GLU B 78 -9.09 -13.13 24.23
CA GLU B 78 -9.47 -13.20 22.84
C GLU B 78 -9.31 -11.82 22.24
N TYR B 79 -8.94 -11.82 20.98
CA TYR B 79 -8.69 -10.56 20.22
C TYR B 79 -9.44 -10.57 18.94
N ALA B 80 -9.73 -9.39 18.43
CA ALA B 80 -10.43 -9.26 17.16
C ALA B 80 -10.17 -7.86 16.56
N CYS B 81 -10.56 -7.75 15.29
CA CYS B 81 -10.67 -6.41 14.68
C CYS B 81 -12.10 -6.12 14.31
N ARG B 82 -12.54 -4.90 14.56
CA ARG B 82 -13.88 -4.48 14.24
C ARG B 82 -13.78 -3.37 13.20
N VAL B 83 -14.45 -3.60 12.06
CA VAL B 83 -14.40 -2.64 10.92
C VAL B 83 -15.80 -2.21 10.56
N ASN B 84 -15.92 -0.92 10.29
CA ASN B 84 -17.11 -0.34 9.71
C ASN B 84 -16.80 0.50 8.49
N HIS B 85 -17.64 0.37 7.51
CA HIS B 85 -17.47 1.04 6.20
C HIS B 85 -18.87 1.21 5.60
N VAL B 86 -19.03 2.11 4.67
CA VAL B 86 -20.37 2.33 4.10
C VAL B 86 -20.91 1.12 3.39
N THR B 87 -20.10 0.18 2.96
CA THR B 87 -20.50 -1.01 2.31
C THR B 87 -20.96 -2.09 3.30
N LEU B 88 -20.93 -1.83 4.63
CA LEU B 88 -21.35 -2.83 5.62
C LEU B 88 -22.58 -2.34 6.35
N SER B 89 -23.56 -3.28 6.59
CA SER B 89 -24.82 -3.04 7.34
C SER B 89 -24.59 -2.81 8.80
N GLN B 90 -23.57 -3.48 9.32
CA GLN B 90 -23.23 -3.29 10.73
C GLN B 90 -21.74 -3.58 10.89
N PRO B 91 -21.11 -3.20 11.99
CA PRO B 91 -19.65 -3.48 12.09
C PRO B 91 -19.31 -4.95 11.87
N LYS B 92 -18.21 -5.21 11.18
CA LYS B 92 -17.78 -6.57 10.89
C LYS B 92 -16.62 -6.83 11.84
N ILE B 93 -16.74 -7.90 12.59
CA ILE B 93 -15.75 -8.36 13.54
C ILE B 93 -15.09 -9.60 12.98
N VAL B 94 -13.75 -9.59 13.05
CA VAL B 94 -12.96 -10.73 12.61
C VAL B 94 -12.04 -11.12 13.79
N LYS B 95 -12.18 -12.36 14.26
CA LYS B 95 -11.38 -12.88 15.35
C LYS B 95 -9.93 -13.18 14.94
N TRP B 96 -9.00 -12.89 15.85
CA TRP B 96 -7.64 -13.27 15.66
C TRP B 96 -7.44 -14.78 15.94
N ASP B 97 -6.99 -15.51 14.93
CA ASP B 97 -6.60 -16.94 15.03
C ASP B 97 -5.11 -16.95 14.97
N ARG B 98 -4.46 -17.39 16.04
CA ARG B 98 -2.99 -17.42 16.05
C ARG B 98 -2.26 -18.18 14.95
N ASP B 99 -2.87 -19.23 14.41
CA ASP B 99 -2.20 -20.02 13.33
C ASP B 99 -2.21 -19.50 11.90
N MET B 100 -2.59 -18.23 11.67
CA MET B 100 -2.76 -17.81 10.32
C MET B 100 -2.33 -16.34 9.96
N GLY C 1 11.61 14.14 -3.48
CA GLY C 1 10.99 15.45 -3.53
C GLY C 1 9.86 15.48 -4.50
N VAL C 2 8.78 16.15 -4.15
CA VAL C 2 7.57 16.28 -4.95
C VAL C 2 7.73 17.13 -6.19
N TYR C 3 6.81 16.98 -7.10
CA TYR C 3 6.81 17.78 -8.30
C TYR C 3 6.99 19.21 -8.00
N ASP C 4 7.91 19.86 -8.70
CA ASP C 4 8.41 21.17 -8.48
C ASP C 4 8.10 22.14 -9.60
N GLY C 5 7.25 21.81 -10.52
CA GLY C 5 6.88 22.70 -11.56
C GLY C 5 5.56 23.41 -11.29
N ARG C 6 5.01 24.09 -12.25
CA ARG C 6 3.70 24.75 -12.15
C ARG C 6 2.58 23.75 -11.99
N GLU C 7 1.61 24.09 -11.15
CA GLU C 7 0.43 23.22 -10.92
C GLU C 7 -0.60 23.49 -11.96
N HIS C 8 -1.29 22.47 -12.40
CA HIS C 8 -2.34 22.56 -13.36
C HIS C 8 -3.58 21.82 -12.88
N THR C 9 -4.71 22.48 -13.04
CA THR C 9 -5.98 21.96 -12.62
C THR C 9 -6.66 21.28 -13.77
N VAL C 10 -7.55 20.34 -13.47
CA VAL C 10 -8.27 19.61 -14.52
C VAL C 10 -9.29 20.48 -15.26
C2 1PG D . 18.18 16.65 -5.78
C1 1PG D . 20.60 17.40 -5.87
O1 1PG D . 19.54 16.56 -5.43
O2 1PG D . 17.30 18.80 -6.25
C3 1PG D . 17.80 17.65 -6.85
C4 1PG D . 16.60 19.61 -7.12
C5 1PG D . 15.94 20.81 -6.48
O3 1PG D . 16.34 20.87 -5.13
C6 1PG D . 15.77 21.93 -4.41
C7 1PG D . 16.46 21.88 -3.07
O4 1PG D . 15.54 22.41 -2.18
C8 1PG D . 15.89 22.39 -0.82
C9 1PG D . 15.58 21.01 -0.32
O5 1PG D . 16.68 20.63 0.51
C10 1PG D . 17.67 19.88 0.01
C11 1PG D . 17.79 18.60 0.78
O6 1PG D . 18.78 17.87 0.18
C2 1PG E . 2.98 2.84 -12.66
C1 1PG E . 3.44 0.46 -12.27
O1 1PG E . 3.70 1.82 -11.98
O2 1PG E . 0.66 2.94 -13.59
C3 1PG E . 2.01 2.50 -13.79
C4 1PG E . -0.38 2.17 -14.22
C5 1PG E . -1.80 2.46 -13.73
O3 1PG E . -1.80 2.97 -12.38
C6 1PG E . -3.00 3.16 -11.74
C7 1PG E . -2.82 3.69 -10.34
O4 1PG E . -1.92 2.95 -9.56
C8 1PG E . -1.82 3.42 -8.32
C9 1PG E . -1.01 2.51 -7.51
O5 1PG E . 0.35 2.53 -7.95
C10 1PG E . 1.20 1.57 -7.37
C11 1PG E . 2.60 1.67 -7.94
O6 1PG E . 2.59 1.40 -9.36
#